data_4Q6N
#
_entry.id   4Q6N
#
_cell.length_a   53.127
_cell.length_b   66.383
_cell.length_c   143.785
_cell.angle_alpha   90.00
_cell.angle_beta   90.00
_cell.angle_gamma   90.00
#
_symmetry.space_group_name_H-M   'P 21 21 21'
#
loop_
_entity.id
_entity.type
_entity.pdbx_description
1 polymer 'Conserved hypothetical secreted protein'
2 non-polymer 'L-ALA-GAMMA-D-GLU-MESO-DIAMINOPIMELIC ACID'
3 non-polymer 'CALCIUM ION'
4 non-polymer GLYCEROL
5 water water
#
_entity_poly.entity_id   1
_entity_poly.type   'polypeptide(L)'
_entity_poly.pdbx_seq_one_letter_code
;MGSSHHHHHHSSGLVPRGSHMIEKAPTNVEDRDKAPHLLLLAGIQGDEPGGFNATNLFLMHYSVLKGLVEVVPVLNKPSM
LRNHRGLYGDMNRKFAALDKNDPEYPTIQEIKSLIAKPSIDAVLHLHDGGGYYRPVYVDAMLNPKRWGNCFIIDQDEVKG
AKFPNLLAFANNTIESINAHLLHPIEEYHLKNTRTAQGDTEMQKALTFYAINQKKSAFANEASKELPLASRVFYHLQAIE
GLLNQLNIPFKRDFDLNPNSVHALINDKNLWAKISSLPKMPLFNLRPKLNHFPLPHNTKIPQIPIESNAYIVGLVKNKQE
VFLKYGNKLMTRLSPFYIEFDPSLEEVKMQIDNKDQMVKIGSVVEVKESFYIHAMDNIRANVIGFSVSNENKPNEAGYTI
KFKDFQKRFSLDKQERIYRIEFYKNNAFSGMILVKFV
;
_entity_poly.pdbx_strand_id   A
#
loop_
_chem_comp.id
_chem_comp.type
_chem_comp.name
_chem_comp.formula
CA non-polymer 'CALCIUM ION' 'Ca 2'
GOL non-polymer GLYCEROL 'C3 H8 O3'
MHI non-polymer 'L-ALA-GAMMA-D-GLU-MESO-DIAMINOPIMELIC ACID' 'C15 H26 N4 O8'
#
# COMPACT_ATOMS: atom_id res chain seq x y z
N MET A 21 10.91 4.28 3.77
CA MET A 21 10.27 5.47 4.47
C MET A 21 9.81 6.56 3.48
N ILE A 22 8.57 6.99 3.64
CA ILE A 22 7.96 8.04 2.82
C ILE A 22 7.64 9.24 3.72
N GLU A 23 8.07 10.42 3.30
CA GLU A 23 7.82 11.63 4.06
C GLU A 23 6.48 12.25 3.72
N LYS A 24 5.74 12.62 4.76
N LYS A 24 5.73 12.63 4.76
CA LYS A 24 4.58 13.51 4.62
CA LYS A 24 4.58 13.52 4.61
C LYS A 24 5.00 14.82 5.25
C LYS A 24 4.97 14.84 5.25
N ALA A 25 5.26 15.81 4.39
CA ALA A 25 5.97 17.01 4.81
C ALA A 25 5.24 18.26 4.37
N PRO A 26 5.52 19.40 5.02
CA PRO A 26 4.98 20.66 4.53
C PRO A 26 5.57 20.99 3.17
N THR A 27 4.88 21.82 2.39
CA THR A 27 5.41 22.19 1.07
C THR A 27 6.65 23.09 1.23
N ASN A 28 6.65 23.92 2.28
CA ASN A 28 7.84 24.74 2.63
C ASN A 28 8.78 23.97 3.57
N VAL A 29 9.95 23.63 3.07
CA VAL A 29 10.96 22.94 3.88
C VAL A 29 11.23 23.63 5.23
N GLU A 30 11.13 24.96 5.27
CA GLU A 30 11.32 25.72 6.50
C GLU A 30 10.34 25.33 7.60
N ASP A 31 9.15 24.87 7.21
CA ASP A 31 8.12 24.50 8.16
C ASP A 31 8.37 23.16 8.86
N ARG A 32 9.36 22.42 8.40
CA ARG A 32 9.65 21.08 8.97
C ARG A 32 10.02 21.08 10.45
N ASP A 33 10.70 22.13 10.90
CA ASP A 33 11.14 22.17 12.29
C ASP A 33 10.21 22.98 13.21
N LYS A 34 9.04 23.35 12.71
CA LYS A 34 8.14 24.25 13.45
C LYS A 34 7.11 23.47 14.28
N ALA A 35 7.12 22.14 14.15
CA ALA A 35 6.31 21.26 14.99
C ALA A 35 7.03 19.91 15.12
N PRO A 36 6.54 19.02 16.01
CA PRO A 36 7.21 17.74 16.25
C PRO A 36 7.23 16.84 15.02
N HIS A 37 8.03 15.77 15.12
CA HIS A 37 8.12 14.75 14.09
C HIS A 37 7.62 13.43 14.62
N LEU A 38 6.68 12.84 13.88
CA LEU A 38 6.15 11.51 14.22
C LEU A 38 6.62 10.48 13.21
N LEU A 39 7.04 9.30 13.69
CA LEU A 39 7.33 8.14 12.85
C LEU A 39 6.13 7.20 12.95
N LEU A 40 5.47 6.97 11.82
CA LEU A 40 4.24 6.18 11.74
C LEU A 40 4.55 4.89 11.00
N LEU A 41 4.23 3.74 11.62
CA LEU A 41 4.65 2.44 11.09
C LEU A 41 3.50 1.45 11.17
N ALA A 42 3.37 0.60 10.14
CA ALA A 42 2.38 -0.48 10.19
C ALA A 42 2.90 -1.70 9.46
N GLY A 43 2.11 -2.76 9.50
CA GLY A 43 2.42 -3.95 8.74
C GLY A 43 3.63 -4.74 9.17
N ILE A 44 3.97 -4.71 10.46
CA ILE A 44 5.04 -5.57 10.96
C ILE A 44 4.58 -7.03 10.89
N GLN A 45 3.27 -7.24 10.95
CA GLN A 45 2.67 -8.52 10.61
C GLN A 45 1.96 -8.36 9.29
N GLY A 46 2.16 -9.33 8.40
CA GLY A 46 1.70 -9.20 7.00
C GLY A 46 0.23 -9.48 6.79
N ASP A 47 -0.44 -9.96 7.83
CA ASP A 47 -1.86 -10.27 7.78
C ASP A 47 -2.71 -9.36 8.67
N GLU A 48 -2.23 -8.12 8.84
CA GLU A 48 -2.92 -7.10 9.63
C GLU A 48 -3.20 -5.89 8.75
N PRO A 49 -4.15 -6.04 7.82
CA PRO A 49 -4.35 -5.00 6.81
C PRO A 49 -4.97 -3.69 7.29
N GLY A 50 -5.56 -3.67 8.48
CA GLY A 50 -6.05 -2.40 8.99
C GLY A 50 -4.90 -1.43 9.04
N GLY A 51 -3.79 -1.87 9.64
CA GLY A 51 -2.65 -1.00 9.83
C GLY A 51 -2.09 -0.46 8.53
N PHE A 52 -1.80 -1.35 7.57
CA PHE A 52 -1.16 -0.90 6.35
C PHE A 52 -2.10 -0.23 5.33
N ASN A 53 -3.42 -0.50 5.42
CA ASN A 53 -4.35 0.32 4.65
C ASN A 53 -4.48 1.70 5.27
N ALA A 54 -4.33 1.80 6.59
CA ALA A 54 -4.39 3.14 7.21
C ALA A 54 -3.17 3.97 6.83
N THR A 55 -1.98 3.38 6.88
CA THR A 55 -0.80 4.14 6.48
C THR A 55 -0.87 4.48 4.99
N ASN A 56 -1.40 3.55 4.18
CA ASN A 56 -1.66 3.87 2.77
C ASN A 56 -2.58 5.10 2.58
N LEU A 57 -3.75 5.10 3.23
CA LEU A 57 -4.67 6.21 3.08
C LEU A 57 -4.08 7.50 3.61
N PHE A 58 -3.28 7.40 4.68
CA PHE A 58 -2.64 8.59 5.23
C PHE A 58 -1.69 9.21 4.20
N LEU A 59 -0.84 8.38 3.59
CA LEU A 59 0.07 8.86 2.54
C LEU A 59 -0.64 9.42 1.32
N MET A 60 -1.76 8.79 0.95
CA MET A 60 -2.46 9.20 -0.27
C MET A 60 -3.28 10.48 -0.09
N HIS A 61 -3.87 10.66 1.11
CA HIS A 61 -4.98 11.59 1.28
C HIS A 61 -4.84 12.65 2.34
N TYR A 62 -3.75 12.63 3.10
CA TYR A 62 -3.49 13.64 4.12
C TYR A 62 -2.38 14.58 3.74
N SER A 63 -2.35 15.72 4.44
CA SER A 63 -1.33 16.74 4.24
C SER A 63 -0.83 17.15 5.62
N VAL A 64 0.48 17.29 5.76
CA VAL A 64 1.08 17.74 7.02
C VAL A 64 1.60 19.16 6.81
N LEU A 65 1.21 20.09 7.68
CA LEU A 65 1.40 21.51 7.37
C LEU A 65 2.57 22.15 8.11
N LYS A 66 2.90 21.59 9.25
CA LYS A 66 4.11 21.96 9.99
C LYS A 66 4.63 20.69 10.67
N GLY A 67 5.93 20.64 10.91
CA GLY A 67 6.55 19.42 11.44
C GLY A 67 6.72 18.41 10.33
N LEU A 68 6.64 17.13 10.67
CA LEU A 68 6.90 16.06 9.70
C LEU A 68 6.29 14.75 10.20
N VAL A 69 5.72 13.98 9.28
CA VAL A 69 5.38 12.59 9.61
C VAL A 69 6.15 11.67 8.64
N GLU A 70 7.01 10.84 9.19
CA GLU A 70 7.74 9.85 8.40
C GLU A 70 6.96 8.56 8.49
N VAL A 71 6.71 7.93 7.35
CA VAL A 71 5.84 6.71 7.32
C VAL A 71 6.57 5.55 6.70
N VAL A 72 6.58 4.41 7.39
CA VAL A 72 6.85 3.15 6.71
C VAL A 72 5.51 2.42 6.64
N PRO A 73 4.90 2.41 5.44
CA PRO A 73 3.52 1.95 5.36
C PRO A 73 3.37 0.46 5.66
N VAL A 74 4.36 -0.34 5.26
CA VAL A 74 4.37 -1.77 5.53
C VAL A 74 5.79 -2.22 5.88
N LEU A 75 5.99 -2.59 7.15
CA LEU A 75 7.31 -3.01 7.65
C LEU A 75 7.75 -4.36 7.11
N ASN A 76 6.79 -5.24 6.86
CA ASN A 76 7.08 -6.62 6.47
C ASN A 76 6.38 -6.90 5.12
N LYS A 77 6.94 -6.30 4.06
CA LYS A 77 6.32 -6.38 2.74
C LYS A 77 6.28 -7.80 2.16
N PRO A 78 7.37 -8.58 2.30
CA PRO A 78 7.28 -9.94 1.75
C PRO A 78 6.12 -10.71 2.36
N SER A 79 5.91 -10.52 3.67
CA SER A 79 4.83 -11.22 4.35
C SER A 79 3.46 -10.70 3.96
N MET A 80 3.33 -9.38 3.81
CA MET A 80 2.08 -8.81 3.29
C MET A 80 1.72 -9.43 1.92
N LEU A 81 2.71 -9.59 1.06
CA LEU A 81 2.44 -10.06 -0.30
C LEU A 81 1.91 -11.49 -0.34
N ARG A 82 2.24 -12.27 0.68
CA ARG A 82 1.68 -13.62 0.83
C ARG A 82 0.58 -13.76 1.89
N ASN A 83 0.03 -12.63 2.35
CA ASN A 83 -1.04 -12.64 3.35
C ASN A 83 -0.68 -13.47 4.56
N HIS A 84 0.52 -13.22 5.08
CA HIS A 84 1.16 -14.07 6.06
C HIS A 84 1.60 -13.25 7.24
N ARG A 85 1.39 -13.77 8.45
CA ARG A 85 1.77 -13.03 9.65
C ARG A 85 3.27 -12.68 9.67
N GLY A 86 4.11 -13.56 9.13
CA GLY A 86 5.55 -13.27 9.12
C GLY A 86 6.31 -14.46 8.57
N LEU A 87 6.76 -14.34 7.32
CA LEU A 87 7.46 -15.43 6.62
C LEU A 87 8.77 -15.82 7.29
N TYR A 88 9.38 -14.86 8.00
CA TYR A 88 10.67 -15.08 8.66
C TYR A 88 10.54 -15.07 10.17
N GLY A 89 9.33 -15.33 10.66
CA GLY A 89 9.02 -15.32 12.07
C GLY A 89 8.43 -13.98 12.48
N ASP A 90 8.24 -13.79 13.78
CA ASP A 90 7.62 -12.58 14.27
C ASP A 90 8.63 -11.42 14.24
N MET A 91 8.48 -10.53 13.26
CA MET A 91 9.38 -9.39 13.12
C MET A 91 9.37 -8.51 14.37
N ASN A 92 8.24 -8.51 15.10
CA ASN A 92 8.10 -7.68 16.30
C ASN A 92 8.66 -8.30 17.56
N ARG A 93 9.49 -9.33 17.38
CA ARG A 93 10.25 -9.94 18.48
C ARG A 93 11.76 -9.83 18.19
N LYS A 94 12.11 -8.94 17.27
CA LYS A 94 13.48 -8.88 16.76
C LYS A 94 14.23 -7.58 17.10
N PHE A 95 13.76 -6.88 18.13
CA PHE A 95 14.29 -5.55 18.45
C PHE A 95 15.30 -5.55 19.59
N ALA A 96 15.47 -6.71 20.20
CA ALA A 96 16.49 -6.90 21.25
C ALA A 96 17.58 -7.79 20.66
N ALA A 97 17.86 -8.95 21.28
CA ALA A 97 18.84 -9.88 20.74
C ALA A 97 18.42 -10.33 19.35
N LEU A 98 19.36 -10.25 18.42
CA LEU A 98 19.10 -10.69 17.05
C LEU A 98 20.36 -11.23 16.38
N ASP A 99 20.28 -12.50 15.96
CA ASP A 99 21.32 -13.17 15.19
C ASP A 99 21.62 -12.36 13.93
N LYS A 100 22.89 -12.05 13.72
CA LYS A 100 23.36 -11.31 12.56
C LYS A 100 22.92 -11.92 11.22
N ASN A 101 22.71 -13.24 11.20
CA ASN A 101 22.31 -13.93 9.98
C ASN A 101 20.79 -14.06 9.80
N ASP A 102 20.02 -13.43 10.69
CA ASP A 102 18.57 -13.46 10.52
C ASP A 102 18.22 -12.75 9.22
N PRO A 103 17.33 -13.35 8.41
CA PRO A 103 16.98 -12.74 7.13
C PRO A 103 16.43 -11.32 7.27
N GLU A 104 15.83 -11.00 8.41
CA GLU A 104 15.29 -9.66 8.60
C GLU A 104 16.24 -8.70 9.31
N TYR A 105 17.46 -9.15 9.58
CA TYR A 105 18.43 -8.30 10.28
C TYR A 105 18.63 -6.93 9.59
N PRO A 106 18.87 -6.89 8.26
CA PRO A 106 19.00 -5.58 7.59
C PRO A 106 17.76 -4.69 7.73
N THR A 107 16.58 -5.29 7.62
CA THR A 107 15.32 -4.57 7.76
C THR A 107 15.25 -3.99 9.17
N ILE A 108 15.59 -4.81 10.16
CA ILE A 108 15.51 -4.38 11.56
C ILE A 108 16.43 -3.19 11.79
N GLN A 109 17.62 -3.19 11.18
CA GLN A 109 18.51 -2.04 11.38
C GLN A 109 17.99 -0.76 10.74
N GLU A 110 17.40 -0.87 9.55
CA GLU A 110 16.75 0.27 8.90
C GLU A 110 15.73 0.89 9.85
N ILE A 111 14.86 0.04 10.41
CA ILE A 111 13.79 0.52 11.31
C ILE A 111 14.32 1.16 12.61
N LYS A 112 15.27 0.48 13.24
CA LYS A 112 15.88 0.99 14.47
C LYS A 112 16.59 2.30 14.22
N SER A 113 17.23 2.42 13.06
CA SER A 113 17.87 3.70 12.71
C SER A 113 16.85 4.83 12.51
N LEU A 114 15.69 4.53 11.93
CA LEU A 114 14.64 5.57 11.81
C LEU A 114 14.12 5.99 13.18
N ILE A 115 13.86 4.99 14.02
CA ILE A 115 13.35 5.20 15.37
C ILE A 115 14.28 6.07 16.21
N ALA A 116 15.58 5.83 16.05
CA ALA A 116 16.60 6.45 16.92
C ALA A 116 17.10 7.77 16.36
N LYS A 117 16.54 8.23 15.24
CA LYS A 117 16.95 9.52 14.68
C LYS A 117 16.66 10.65 15.66
N PRO A 118 17.63 11.57 15.87
CA PRO A 118 17.37 12.69 16.77
C PRO A 118 16.18 13.55 16.35
N SER A 119 15.88 13.58 15.06
CA SER A 119 14.79 14.40 14.52
C SER A 119 13.41 13.80 14.78
N ILE A 120 13.36 12.52 15.15
CA ILE A 120 12.08 11.90 15.52
C ILE A 120 11.75 12.16 16.99
N ASP A 121 10.50 12.50 17.27
CA ASP A 121 10.07 12.74 18.65
C ASP A 121 9.20 11.60 19.15
N ALA A 122 8.29 11.15 18.30
CA ALA A 122 7.26 10.19 18.70
C ALA A 122 7.16 9.09 17.66
N VAL A 123 6.69 7.91 18.11
CA VAL A 123 6.52 6.75 17.25
C VAL A 123 5.12 6.19 17.47
N LEU A 124 4.41 5.95 16.36
CA LEU A 124 3.11 5.27 16.45
C LEU A 124 3.10 4.01 15.57
N HIS A 125 2.84 2.86 16.21
CA HIS A 125 2.96 1.54 15.57
C HIS A 125 1.58 0.92 15.52
N LEU A 126 1.07 0.70 14.30
CA LEU A 126 -0.30 0.21 14.10
C LEU A 126 -0.35 -1.31 13.94
N HIS A 127 -1.37 -1.91 14.55
CA HIS A 127 -1.59 -3.37 14.56
C HIS A 127 -3.07 -3.67 14.43
N ASP A 128 -3.35 -4.87 13.94
CA ASP A 128 -4.71 -5.41 14.10
C ASP A 128 -4.64 -6.57 15.09
N GLY A 129 -5.63 -6.66 15.97
CA GLY A 129 -5.56 -7.64 17.06
C GLY A 129 -6.88 -8.30 17.37
N GLY A 130 -6.83 -9.55 17.81
CA GLY A 130 -8.05 -10.31 18.09
C GLY A 130 -8.90 -9.77 19.21
N GLY A 131 -10.20 -10.00 19.07
CA GLY A 131 -11.19 -9.66 20.12
C GLY A 131 -11.17 -8.19 20.47
N TYR A 132 -11.51 -7.88 21.72
CA TYR A 132 -11.48 -6.51 22.23
C TYR A 132 -10.84 -6.54 23.60
N TYR A 133 -9.74 -5.83 23.75
CA TYR A 133 -9.09 -5.73 25.03
C TYR A 133 -10.02 -5.14 26.09
N ARG A 134 -10.04 -5.75 27.27
CA ARG A 134 -10.65 -5.13 28.43
C ARG A 134 -9.68 -5.38 29.55
N PRO A 135 -9.52 -4.42 30.47
CA PRO A 135 -8.55 -4.64 31.53
C PRO A 135 -9.06 -5.60 32.62
N VAL A 136 -10.38 -5.85 32.63
CA VAL A 136 -10.95 -6.89 33.49
C VAL A 136 -11.66 -7.91 32.61
N TYR A 137 -11.61 -9.18 33.00
CA TYR A 137 -12.27 -10.25 32.26
C TYR A 137 -13.78 -10.00 32.23
N VAL A 138 -14.32 -9.83 31.02
CA VAL A 138 -15.77 -9.76 30.82
C VAL A 138 -16.26 -11.10 30.23
N ASP A 139 -15.66 -11.50 29.10
CA ASP A 139 -15.91 -12.82 28.49
C ASP A 139 -14.74 -13.20 27.57
N ALA A 140 -14.88 -14.31 26.83
CA ALA A 140 -13.79 -14.86 26.00
C ALA A 140 -13.33 -13.88 24.91
N MET A 141 -14.22 -12.99 24.53
CA MET A 141 -13.97 -12.04 23.47
C MET A 141 -13.45 -10.72 24.01
N LEU A 142 -13.85 -10.41 25.25
CA LEU A 142 -13.55 -9.14 25.91
C LEU A 142 -12.83 -9.39 27.23
N ASN A 143 -11.50 -9.31 27.21
CA ASN A 143 -10.69 -9.64 28.39
C ASN A 143 -9.24 -9.15 28.22
N PRO A 144 -8.43 -9.21 29.29
CA PRO A 144 -7.05 -8.70 29.22
C PRO A 144 -6.11 -9.48 28.30
N LYS A 145 -6.48 -10.68 27.88
CA LYS A 145 -5.62 -11.44 26.99
C LYS A 145 -5.80 -10.96 25.55
N ARG A 146 -6.89 -10.23 25.31
CA ARG A 146 -7.22 -9.79 23.94
C ARG A 146 -6.54 -8.49 23.61
N TRP A 147 -6.48 -8.18 22.31
CA TRP A 147 -5.73 -7.03 21.85
C TRP A 147 -6.51 -5.98 21.08
N GLY A 148 -7.73 -6.26 20.65
CA GLY A 148 -8.42 -5.34 19.77
C GLY A 148 -8.81 -4.03 20.43
N ASN A 149 -8.82 -2.95 19.63
CA ASN A 149 -9.29 -1.62 20.07
C ASN A 149 -8.73 -1.10 21.40
N CYS A 150 -7.40 -1.07 21.49
CA CYS A 150 -6.77 -0.41 22.63
C CYS A 150 -5.59 0.40 22.13
N PHE A 151 -5.14 1.29 22.99
CA PHE A 151 -4.03 2.17 22.71
C PHE A 151 -3.02 1.86 23.80
N ILE A 152 -1.81 1.52 23.38
CA ILE A 152 -0.87 0.80 24.23
C ILE A 152 0.41 1.61 24.47
N ILE A 153 0.80 1.67 25.75
CA ILE A 153 2.10 2.23 26.11
C ILE A 153 2.89 1.18 26.89
N ASP A 154 4.22 1.32 26.86
CA ASP A 154 5.11 0.42 27.59
C ASP A 154 5.26 0.79 29.06
N GLN A 155 5.02 2.07 29.36
CA GLN A 155 5.11 2.64 30.71
C GLN A 155 4.52 4.05 30.66
N ASP A 156 4.24 4.64 31.82
CA ASP A 156 3.52 5.93 31.87
C ASP A 156 4.35 7.15 31.51
N GLU A 157 5.66 7.06 31.73
CA GLU A 157 6.54 8.23 31.53
C GLU A 157 7.85 7.74 30.91
N VAL A 158 8.39 8.54 30.00
CA VAL A 158 9.73 8.33 29.47
C VAL A 158 10.56 9.58 29.72
N LYS A 159 11.35 9.55 30.80
CA LYS A 159 12.18 10.70 31.17
C LYS A 159 13.17 11.03 30.05
N GLY A 160 13.31 12.32 29.75
CA GLY A 160 14.22 12.75 28.70
C GLY A 160 13.61 12.78 27.30
N ALA A 161 12.37 12.34 27.14
CA ALA A 161 11.69 12.51 25.86
C ALA A 161 11.24 13.94 25.70
N LYS A 162 11.04 14.41 24.47
CA LYS A 162 10.45 15.72 24.22
C LYS A 162 9.07 15.79 24.88
N PHE A 163 8.32 14.69 24.79
CA PHE A 163 7.02 14.59 25.45
C PHE A 163 7.04 13.39 26.40
N PRO A 164 7.46 13.61 27.66
CA PRO A 164 7.69 12.49 28.56
C PRO A 164 6.42 11.81 29.09
N ASN A 165 5.30 12.52 29.08
CA ASN A 165 4.07 12.03 29.67
C ASN A 165 3.28 11.18 28.69
N LEU A 166 3.71 9.94 28.53
CA LEU A 166 3.05 9.01 27.62
C LEU A 166 1.63 8.74 28.07
N LEU A 167 1.45 8.62 29.39
CA LEU A 167 0.11 8.34 29.91
C LEU A 167 -0.90 9.40 29.51
N ALA A 168 -0.56 10.69 29.69
CA ALA A 168 -1.48 11.78 29.35
C ALA A 168 -1.79 11.81 27.86
N PHE A 169 -0.73 11.62 27.07
CA PHE A 169 -0.86 11.57 25.63
C PHE A 169 -1.79 10.45 25.22
N ALA A 170 -1.61 9.30 25.86
CA ALA A 170 -2.45 8.13 25.54
C ALA A 170 -3.89 8.38 25.95
N ASN A 171 -4.11 8.87 27.18
CA ASN A 171 -5.48 9.15 27.61
C ASN A 171 -6.21 10.16 26.71
N ASN A 172 -5.51 11.19 26.27
CA ASN A 172 -6.13 12.16 25.40
C ASN A 172 -6.43 11.64 23.98
N THR A 173 -5.55 10.77 23.50
CA THR A 173 -5.75 10.14 22.18
C THR A 173 -6.95 9.22 22.26
N ILE A 174 -7.05 8.48 23.36
CA ILE A 174 -8.21 7.57 23.56
C ILE A 174 -9.51 8.38 23.61
N GLU A 175 -9.48 9.52 24.29
CA GLU A 175 -10.65 10.45 24.26
C GLU A 175 -11.11 10.78 22.85
N SER A 176 -10.15 11.11 21.99
CA SER A 176 -10.45 11.52 20.63
CA SER A 176 -10.44 11.51 20.63
C SER A 176 -11.08 10.37 19.85
N ILE A 177 -10.50 9.18 19.98
CA ILE A 177 -11.06 7.99 19.32
C ILE A 177 -12.49 7.72 19.85
N ASN A 178 -12.66 7.80 21.18
CA ASN A 178 -13.96 7.44 21.78
C ASN A 178 -15.08 8.44 21.50
N ALA A 179 -14.73 9.61 20.97
CA ALA A 179 -15.74 10.55 20.47
C ALA A 179 -16.40 10.10 19.15
N HIS A 180 -15.89 9.03 18.56
CA HIS A 180 -16.31 8.61 17.22
C HIS A 180 -16.64 7.14 17.11
N LEU A 181 -17.13 6.53 18.19
CA LEU A 181 -17.39 5.08 18.19
C LEU A 181 -18.57 4.71 17.29
N LEU A 182 -18.39 3.66 16.50
CA LEU A 182 -19.45 3.19 15.61
C LEU A 182 -20.43 2.32 16.41
N HIS A 183 -19.92 1.62 17.41
CA HIS A 183 -20.72 0.78 18.31
C HIS A 183 -20.04 0.77 19.66
N PRO A 184 -20.81 0.77 20.78
CA PRO A 184 -20.22 0.79 22.12
C PRO A 184 -19.15 -0.27 22.40
N ILE A 185 -19.26 -1.44 21.74
CA ILE A 185 -18.35 -2.53 22.03
C ILE A 185 -16.93 -2.16 21.61
N GLU A 186 -16.86 -1.18 20.71
CA GLU A 186 -15.59 -0.76 20.11
C GLU A 186 -14.83 0.27 20.92
N GLU A 187 -15.38 0.65 22.09
CA GLU A 187 -14.70 1.60 23.00
C GLU A 187 -13.23 1.26 23.25
N TYR A 188 -12.37 2.27 23.08
CA TYR A 188 -10.93 2.10 23.33
C TYR A 188 -10.59 2.19 24.81
N HIS A 189 -9.64 1.35 25.24
CA HIS A 189 -9.11 1.45 26.59
C HIS A 189 -7.60 1.55 26.57
N LEU A 190 -7.05 2.17 27.60
CA LEU A 190 -5.59 2.20 27.79
C LEU A 190 -5.05 0.82 28.16
N LYS A 191 -3.97 0.41 27.52
CA LYS A 191 -3.27 -0.79 27.93
C LYS A 191 -1.84 -0.35 28.18
N ASN A 192 -1.39 -0.52 29.41
CA ASN A 192 0.00 -0.26 29.77
C ASN A 192 0.64 -1.60 30.09
N THR A 193 1.53 -2.07 29.21
CA THR A 193 2.19 -3.38 29.37
C THR A 193 3.29 -3.41 30.45
N ARG A 194 3.63 -2.25 31.01
CA ARG A 194 4.70 -2.16 32.04
C ARG A 194 5.88 -3.07 31.66
N THR A 195 6.38 -2.86 30.45
CA THR A 195 7.27 -3.79 29.76
C THR A 195 8.57 -4.11 30.52
N ALA A 196 9.20 -3.07 31.04
CA ALA A 196 10.48 -3.20 31.76
C ALA A 196 10.36 -4.04 33.02
N GLN A 197 9.15 -4.14 33.57
CA GLN A 197 8.90 -4.97 34.75
C GLN A 197 8.43 -6.38 34.35
N GLY A 198 9.28 -7.11 33.64
CA GLY A 198 9.08 -8.55 33.44
C GLY A 198 8.39 -9.08 32.19
N ASP A 199 7.83 -8.20 31.36
CA ASP A 199 7.19 -8.67 30.12
C ASP A 199 8.26 -8.96 29.07
N THR A 200 8.75 -10.19 29.05
CA THR A 200 9.90 -10.58 28.23
C THR A 200 9.61 -10.54 26.73
N GLU A 201 8.34 -10.73 26.38
CA GLU A 201 7.88 -10.64 24.99
C GLU A 201 7.94 -9.20 24.49
N MET A 202 7.29 -8.30 25.23
CA MET A 202 7.25 -6.89 24.86
C MET A 202 8.65 -6.27 24.92
N GLN A 203 9.53 -6.87 25.72
CA GLN A 203 10.90 -6.35 25.80
C GLN A 203 11.62 -6.53 24.47
N LYS A 204 11.08 -7.38 23.60
CA LYS A 204 11.68 -7.69 22.31
C LYS A 204 11.01 -6.92 21.17
N ALA A 205 10.04 -6.07 21.52
CA ALA A 205 9.21 -5.40 20.51
C ALA A 205 9.60 -3.98 20.20
N LEU A 206 8.94 -3.43 19.17
CA LEU A 206 9.34 -2.17 18.59
C LEU A 206 9.19 -0.99 19.54
N THR A 207 8.05 -0.84 20.20
CA THR A 207 7.85 0.39 21.01
C THR A 207 8.78 0.45 22.22
N PHE A 208 9.12 -0.71 22.79
CA PHE A 208 10.05 -0.70 23.92
C PHE A 208 11.41 -0.24 23.43
N TYR A 209 11.81 -0.68 22.24
CA TYR A 209 13.05 -0.20 21.65
C TYR A 209 12.99 1.32 21.56
N ALA A 210 11.87 1.84 21.07
CA ALA A 210 11.71 3.28 20.89
C ALA A 210 11.79 4.04 22.20
N ILE A 211 11.15 3.55 23.26
CA ILE A 211 11.23 4.29 24.54
C ILE A 211 12.67 4.30 25.09
N ASN A 212 13.43 3.25 24.80
CA ASN A 212 14.85 3.18 25.20
C ASN A 212 15.75 4.14 24.42
N GLN A 213 15.19 4.78 23.39
CA GLN A 213 15.88 5.86 22.68
C GLN A 213 15.30 7.21 23.07
N LYS A 214 14.55 7.25 24.17
CA LYS A 214 13.85 8.44 24.67
C LYS A 214 12.85 9.05 23.70
N LYS A 215 12.20 8.19 22.91
CA LYS A 215 11.07 8.61 22.09
C LYS A 215 9.79 8.29 22.85
N SER A 216 8.78 9.12 22.67
CA SER A 216 7.46 8.75 23.16
C SER A 216 6.89 7.78 22.12
N ALA A 217 6.48 6.61 22.58
CA ALA A 217 6.11 5.54 21.66
C ALA A 217 4.77 4.95 22.06
N PHE A 218 3.95 4.66 21.05
CA PHE A 218 2.58 4.18 21.26
C PHE A 218 2.27 3.12 20.21
N ALA A 219 1.40 2.17 20.58
CA ALA A 219 0.84 1.28 19.59
C ALA A 219 -0.66 1.42 19.60
N ASN A 220 -1.23 1.42 18.41
CA ASN A 220 -2.66 1.30 18.28
C ASN A 220 -3.06 -0.05 17.71
N GLU A 221 -4.04 -0.67 18.38
CA GLU A 221 -4.67 -1.90 17.90
C GLU A 221 -6.09 -1.66 17.42
N ALA A 222 -6.39 -2.15 16.22
CA ALA A 222 -7.78 -2.19 15.74
C ALA A 222 -8.21 -3.64 15.76
N SER A 223 -9.44 -3.90 16.19
CA SER A 223 -9.90 -5.30 16.31
C SER A 223 -10.05 -6.03 14.98
N LYS A 224 -9.51 -7.25 14.93
CA LYS A 224 -9.68 -8.13 13.77
C LYS A 224 -11.14 -8.55 13.59
N GLU A 225 -11.95 -8.32 14.62
CA GLU A 225 -13.38 -8.66 14.50
C GLU A 225 -14.11 -7.68 13.57
N LEU A 226 -13.48 -6.53 13.31
CA LEU A 226 -14.05 -5.47 12.49
C LEU A 226 -13.78 -5.67 11.00
N PRO A 227 -14.72 -5.25 10.12
CA PRO A 227 -14.41 -5.23 8.69
C PRO A 227 -13.27 -4.26 8.43
N LEU A 228 -12.59 -4.45 7.31
CA LEU A 228 -11.39 -3.68 7.00
C LEU A 228 -11.61 -2.17 7.13
N ALA A 229 -12.68 -1.66 6.53
CA ALA A 229 -12.92 -0.20 6.53
C ALA A 229 -13.05 0.34 7.95
N SER A 230 -13.66 -0.44 8.85
CA SER A 230 -13.79 -0.01 10.26
C SER A 230 -12.45 -0.11 10.97
N ARG A 231 -11.65 -1.14 10.69
CA ARG A 231 -10.29 -1.16 11.26
C ARG A 231 -9.50 0.08 10.89
N VAL A 232 -9.55 0.41 9.60
CA VAL A 232 -8.81 1.55 9.07
C VAL A 232 -9.34 2.84 9.68
N PHE A 233 -10.67 2.94 9.76
CA PHE A 233 -11.32 4.07 10.43
C PHE A 233 -10.71 4.30 11.83
N TYR A 234 -10.60 3.24 12.64
CA TYR A 234 -10.08 3.42 14.00
C TYR A 234 -8.59 3.76 14.02
N HIS A 235 -7.81 3.14 13.14
CA HIS A 235 -6.40 3.55 13.03
C HIS A 235 -6.27 4.99 12.66
N LEU A 236 -7.10 5.48 11.74
CA LEU A 236 -7.02 6.88 11.33
C LEU A 236 -7.45 7.78 12.48
N GLN A 237 -8.46 7.35 13.26
CA GLN A 237 -8.83 8.12 14.47
C GLN A 237 -7.66 8.26 15.45
N ALA A 238 -6.90 7.18 15.61
CA ALA A 238 -5.77 7.16 16.53
C ALA A 238 -4.66 8.04 16.00
N ILE A 239 -4.42 7.98 14.68
CA ILE A 239 -3.40 8.84 14.08
C ILE A 239 -3.78 10.29 14.30
N GLU A 240 -5.02 10.64 14.03
CA GLU A 240 -5.45 12.04 14.20
C GLU A 240 -5.41 12.48 15.67
N GLY A 241 -5.79 11.58 16.57
CA GLY A 241 -5.80 11.88 18.00
C GLY A 241 -4.41 12.23 18.44
N LEU A 242 -3.44 11.44 17.97
CA LEU A 242 -2.06 11.62 18.40
C LEU A 242 -1.44 12.86 17.76
N LEU A 243 -1.73 13.10 16.47
CA LEU A 243 -1.22 14.29 15.80
C LEU A 243 -1.73 15.53 16.54
N ASN A 244 -2.99 15.48 16.96
CA ASN A 244 -3.53 16.62 17.73
C ASN A 244 -2.80 16.85 19.04
N GLN A 245 -2.48 15.78 19.75
CA GLN A 245 -1.75 15.88 21.02
C GLN A 245 -0.35 16.42 20.79
N LEU A 246 0.28 16.01 19.69
CA LEU A 246 1.63 16.50 19.32
C LEU A 246 1.62 17.92 18.75
N ASN A 247 0.44 18.43 18.41
CA ASN A 247 0.29 19.71 17.70
C ASN A 247 0.98 19.70 16.31
N ILE A 248 0.89 18.56 15.62
CA ILE A 248 1.28 18.51 14.22
C ILE A 248 0.03 18.80 13.40
N PRO A 249 -0.06 19.99 12.78
CA PRO A 249 -1.27 20.32 12.05
C PRO A 249 -1.37 19.54 10.76
N PHE A 250 -2.57 19.09 10.42
CA PHE A 250 -2.77 18.29 9.23
C PHE A 250 -4.14 18.54 8.62
N LYS A 251 -4.28 18.15 7.37
CA LYS A 251 -5.58 18.11 6.71
C LYS A 251 -5.76 16.75 6.06
N ARG A 252 -7.00 16.43 5.74
CA ARG A 252 -7.28 15.31 4.84
C ARG A 252 -8.32 15.73 3.82
N ASP A 253 -8.34 15.05 2.68
CA ASP A 253 -9.22 15.44 1.56
C ASP A 253 -10.56 14.68 1.51
N PHE A 254 -10.94 14.09 2.64
CA PHE A 254 -12.16 13.28 2.71
C PHE A 254 -12.79 13.34 4.11
N ASP A 255 -14.05 12.93 4.21
CA ASP A 255 -14.75 12.85 5.50
C ASP A 255 -14.46 11.50 6.12
N LEU A 256 -14.09 11.50 7.40
CA LEU A 256 -13.68 10.26 8.07
C LEU A 256 -14.88 9.52 8.65
N ASN A 257 -15.43 8.62 7.84
CA ASN A 257 -16.48 7.70 8.27
C ASN A 257 -16.25 6.40 7.53
N PRO A 258 -16.83 5.28 8.00
CA PRO A 258 -16.49 4.02 7.35
C PRO A 258 -16.81 3.97 5.85
N ASN A 259 -17.91 4.60 5.43
CA ASN A 259 -18.25 4.64 4.01
C ASN A 259 -17.17 5.35 3.18
N SER A 260 -16.70 6.48 3.69
CA SER A 260 -15.68 7.27 3.03
C SER A 260 -14.36 6.50 2.96
N VAL A 261 -14.04 5.79 4.05
CA VAL A 261 -12.84 4.97 4.10
C VAL A 261 -12.93 3.82 3.09
N HIS A 262 -14.05 3.12 3.08
CA HIS A 262 -14.29 2.06 2.11
C HIS A 262 -14.11 2.56 0.69
N ALA A 263 -14.64 3.74 0.40
CA ALA A 263 -14.58 4.29 -0.95
C ALA A 263 -13.14 4.50 -1.40
N LEU A 264 -12.28 4.91 -0.46
CA LEU A 264 -10.91 5.23 -0.77
C LEU A 264 -10.04 3.98 -0.81
N ILE A 265 -10.37 2.98 0.00
CA ILE A 265 -9.67 1.69 -0.09
C ILE A 265 -9.95 1.10 -1.47
N ASN A 266 -11.23 1.14 -1.84
CA ASN A 266 -11.69 0.54 -3.10
C ASN A 266 -11.85 1.55 -4.22
N ASP A 267 -10.87 2.43 -4.36
CA ASP A 267 -10.96 3.57 -5.27
C ASP A 267 -10.70 3.13 -6.71
N LYS A 268 -11.65 3.44 -7.59
CA LYS A 268 -11.55 3.13 -9.03
C LYS A 268 -10.38 3.85 -9.70
N ASN A 269 -9.91 4.94 -9.08
CA ASN A 269 -8.79 5.73 -9.61
C ASN A 269 -7.43 5.16 -9.22
N LEU A 270 -7.41 4.08 -8.44
CA LEU A 270 -6.13 3.44 -8.14
C LEU A 270 -5.60 2.71 -9.34
N TRP A 271 -4.28 2.80 -9.53
CA TRP A 271 -3.62 2.17 -10.67
C TRP A 271 -2.29 1.58 -10.27
N ALA A 272 -1.80 0.68 -11.11
CA ALA A 272 -0.45 0.13 -10.99
C ALA A 272 0.22 0.17 -12.35
N LYS A 273 1.51 0.49 -12.35
CA LYS A 273 2.29 0.48 -13.60
C LYS A 273 3.46 -0.49 -13.46
N ILE A 274 3.41 -1.57 -14.23
CA ILE A 274 4.42 -2.61 -14.18
C ILE A 274 5.47 -2.32 -15.25
N SER A 275 6.73 -2.18 -14.83
CA SER A 275 7.81 -1.92 -15.79
C SER A 275 7.42 -0.70 -16.64
N SER A 276 7.63 -0.79 -17.96
CA SER A 276 7.33 0.32 -18.87
C SER A 276 5.96 0.17 -19.55
N LEU A 277 5.17 -0.78 -19.05
CA LEU A 277 3.79 -0.94 -19.52
C LEU A 277 2.89 0.22 -19.07
N PRO A 278 1.74 0.42 -19.74
CA PRO A 278 0.81 1.49 -19.34
C PRO A 278 0.24 1.27 -17.93
N LYS A 279 -0.20 2.35 -17.31
CA LYS A 279 -0.97 2.28 -16.05
C LYS A 279 -2.21 1.44 -16.26
N MET A 280 -2.46 0.54 -15.31
CA MET A 280 -3.65 -0.31 -15.34
C MET A 280 -4.47 -0.06 -14.10
N PRO A 281 -5.80 -0.08 -14.23
CA PRO A 281 -6.62 0.09 -13.02
C PRO A 281 -6.40 -1.09 -12.06
N LEU A 282 -6.38 -0.82 -10.75
CA LEU A 282 -6.17 -1.90 -9.78
C LEU A 282 -7.42 -2.74 -9.66
N PHE A 283 -8.55 -2.06 -9.56
CA PHE A 283 -9.82 -2.73 -9.33
C PHE A 283 -10.50 -3.12 -10.63
N ASN A 284 -11.29 -4.19 -10.56
CA ASN A 284 -12.07 -4.68 -11.71
C ASN A 284 -11.25 -5.12 -12.94
N LEU A 285 -10.01 -5.55 -12.69
CA LEU A 285 -9.24 -6.29 -13.68
C LEU A 285 -9.87 -7.67 -13.76
N ARG A 286 -9.78 -8.30 -14.94
CA ARG A 286 -10.06 -9.73 -14.98
C ARG A 286 -9.17 -10.42 -13.98
N PRO A 287 -9.68 -11.48 -13.33
CA PRO A 287 -8.87 -12.22 -12.35
C PRO A 287 -7.62 -12.88 -12.89
N LYS A 288 -7.56 -13.12 -14.21
CA LYS A 288 -6.35 -13.64 -14.84
C LYS A 288 -6.06 -12.90 -16.16
N LEU A 289 -4.81 -12.52 -16.35
CA LEU A 289 -4.38 -11.87 -17.59
C LEU A 289 -3.34 -12.77 -18.25
N ASN A 290 -3.67 -13.22 -19.47
CA ASN A 290 -2.86 -14.22 -20.16
C ASN A 290 -1.80 -13.62 -21.08
N HIS A 291 -0.72 -14.38 -21.29
CA HIS A 291 0.37 -14.00 -22.19
C HIS A 291 0.83 -12.60 -21.89
N PHE A 292 1.09 -12.33 -20.62
CA PHE A 292 1.38 -10.99 -20.15
C PHE A 292 2.89 -10.73 -20.19
N PRO A 293 3.33 -9.74 -20.98
CA PRO A 293 4.77 -9.53 -21.15
C PRO A 293 5.44 -8.98 -19.88
N LEU A 294 6.49 -9.69 -19.44
CA LEU A 294 7.36 -9.24 -18.37
C LEU A 294 8.82 -9.26 -18.84
N PRO A 295 9.66 -8.33 -18.35
CA PRO A 295 11.08 -8.31 -18.73
C PRO A 295 11.80 -9.59 -18.31
N HIS A 296 12.54 -10.18 -19.24
CA HIS A 296 13.28 -11.41 -18.95
C HIS A 296 14.49 -11.16 -18.08
N ASN A 297 15.07 -12.22 -17.55
CA ASN A 297 16.27 -12.14 -16.69
C ASN A 297 16.10 -11.19 -15.49
N THR A 298 14.86 -10.97 -15.04
CA THR A 298 14.58 -10.05 -13.95
C THR A 298 13.79 -10.78 -12.86
N LYS A 299 14.35 -10.83 -11.66
CA LYS A 299 13.65 -11.46 -10.55
C LYS A 299 12.39 -10.66 -10.27
N ILE A 300 11.28 -11.34 -10.00
CA ILE A 300 9.98 -10.69 -9.73
C ILE A 300 10.05 -9.47 -8.79
N PRO A 301 10.68 -9.62 -7.59
CA PRO A 301 10.75 -8.49 -6.67
C PRO A 301 11.54 -7.29 -7.21
N GLN A 302 12.29 -7.51 -8.28
CA GLN A 302 13.09 -6.47 -8.91
C GLN A 302 12.43 -5.82 -10.12
N ILE A 303 11.26 -6.33 -10.54
CA ILE A 303 10.51 -5.68 -11.62
C ILE A 303 9.96 -4.35 -11.10
N PRO A 304 10.26 -3.24 -11.79
CA PRO A 304 9.74 -1.95 -11.33
C PRO A 304 8.23 -1.94 -11.28
N ILE A 305 7.69 -1.40 -10.21
CA ILE A 305 6.24 -1.23 -10.11
C ILE A 305 5.93 0.09 -9.42
N GLU A 306 5.13 0.91 -10.10
CA GLU A 306 4.68 2.20 -9.59
C GLU A 306 3.18 2.12 -9.31
N SER A 307 2.71 2.93 -8.37
CA SER A 307 1.28 3.03 -8.06
C SER A 307 1.04 4.37 -7.38
N ASN A 308 -0.20 4.84 -7.42
CA ASN A 308 -0.60 5.97 -6.58
C ASN A 308 -0.89 5.53 -5.14
N ALA A 309 -1.01 4.21 -4.94
CA ALA A 309 -0.97 3.62 -3.61
C ALA A 309 0.45 3.22 -3.23
N TYR A 310 0.65 2.88 -1.96
CA TYR A 310 1.97 2.67 -1.39
C TYR A 310 2.16 1.25 -0.89
N ILE A 311 1.16 0.41 -1.15
CA ILE A 311 1.16 -0.98 -0.64
C ILE A 311 0.95 -2.00 -1.75
N VAL A 312 1.37 -1.64 -2.97
CA VAL A 312 1.20 -2.50 -4.15
C VAL A 312 2.50 -3.25 -4.44
N GLY A 313 2.38 -4.50 -4.87
CA GLY A 313 3.58 -5.24 -5.29
C GLY A 313 3.26 -6.45 -6.12
N LEU A 314 4.32 -7.08 -6.62
CA LEU A 314 4.23 -8.33 -7.36
C LEU A 314 4.83 -9.46 -6.56
N VAL A 315 4.25 -10.64 -6.66
CA VAL A 315 4.84 -11.80 -6.00
C VAL A 315 4.61 -13.06 -6.85
N LYS A 316 5.63 -13.90 -6.96
CA LYS A 316 5.55 -15.13 -7.74
C LYS A 316 4.74 -16.16 -6.95
N ASN A 317 3.81 -16.82 -7.63
CA ASN A 317 3.05 -17.92 -7.03
C ASN A 317 2.93 -19.00 -8.09
N LYS A 318 3.62 -20.11 -7.85
CA LYS A 318 3.91 -21.12 -8.88
C LYS A 318 4.55 -20.45 -10.10
N GLN A 319 3.86 -20.55 -11.23
CA GLN A 319 4.33 -19.98 -12.48
C GLN A 319 3.71 -18.63 -12.78
N GLU A 320 2.74 -18.24 -11.95
CA GLU A 320 1.99 -16.97 -12.14
C GLU A 320 2.65 -15.87 -11.34
N VAL A 321 2.25 -14.64 -11.64
CA VAL A 321 2.75 -13.49 -10.89
C VAL A 321 1.52 -12.75 -10.40
N PHE A 322 1.39 -12.64 -9.08
CA PHE A 322 0.22 -12.02 -8.48
C PHE A 322 0.43 -10.51 -8.33
N LEU A 323 -0.54 -9.72 -8.76
CA LEU A 323 -0.57 -8.27 -8.45
C LEU A 323 -1.34 -8.07 -7.16
N LYS A 324 -0.64 -7.58 -6.13
CA LYS A 324 -1.20 -7.42 -4.79
C LYS A 324 -1.36 -5.96 -4.42
N TYR A 325 -2.47 -5.66 -3.77
CA TYR A 325 -2.70 -4.35 -3.15
C TYR A 325 -3.01 -4.67 -1.69
N GLY A 326 -2.02 -4.50 -0.82
CA GLY A 326 -2.15 -5.01 0.55
C GLY A 326 -2.33 -6.52 0.45
N ASN A 327 -3.33 -7.04 1.16
CA ASN A 327 -3.67 -8.47 1.07
C ASN A 327 -4.64 -8.80 -0.05
N LYS A 328 -5.06 -7.80 -0.82
CA LYS A 328 -6.01 -8.08 -1.90
C LYS A 328 -5.32 -8.53 -3.19
N LEU A 329 -5.86 -9.59 -3.79
CA LEU A 329 -5.32 -10.10 -5.05
C LEU A 329 -6.06 -9.41 -6.17
N MET A 330 -5.33 -8.58 -6.94
CA MET A 330 -5.97 -7.74 -7.95
C MET A 330 -6.08 -8.45 -9.30
N THR A 331 -5.03 -9.21 -9.65
CA THR A 331 -5.06 -10.12 -10.79
C THR A 331 -3.93 -11.14 -10.70
N ARG A 332 -4.07 -12.21 -11.48
CA ARG A 332 -3.03 -13.20 -11.65
C ARG A 332 -2.47 -13.05 -13.05
N LEU A 333 -1.20 -12.67 -13.13
CA LEU A 333 -0.53 -12.59 -14.44
C LEU A 333 0.02 -13.95 -14.85
N SER A 334 -0.24 -14.32 -16.10
CA SER A 334 0.38 -15.49 -16.69
C SER A 334 1.42 -14.95 -17.66
N PRO A 335 2.69 -14.90 -17.23
CA PRO A 335 3.65 -14.14 -18.01
C PRO A 335 4.25 -14.91 -19.18
N PHE A 336 4.71 -14.17 -20.17
CA PHE A 336 5.76 -14.68 -21.02
C PHE A 336 6.89 -13.69 -20.88
N TYR A 337 8.08 -14.23 -20.67
CA TYR A 337 9.25 -13.42 -20.43
C TYR A 337 9.94 -13.11 -21.74
N ILE A 338 10.30 -11.84 -21.92
CA ILE A 338 10.80 -11.36 -23.21
C ILE A 338 11.69 -10.14 -23.00
N GLU A 339 12.63 -9.92 -23.91
CA GLU A 339 13.41 -8.69 -23.92
C GLU A 339 12.49 -7.49 -24.10
N PHE A 340 12.61 -6.51 -23.22
CA PHE A 340 11.96 -5.21 -23.38
C PHE A 340 12.94 -4.26 -24.07
N ASP A 341 12.82 -4.18 -25.39
CA ASP A 341 13.62 -3.25 -26.18
C ASP A 341 13.01 -1.87 -26.07
N PRO A 342 13.75 -0.89 -25.51
CA PRO A 342 13.23 0.44 -25.23
C PRO A 342 13.25 1.41 -26.42
N SER A 343 13.60 0.94 -27.62
CA SER A 343 13.83 1.84 -28.76
C SER A 343 12.60 2.55 -29.30
N LEU A 344 11.44 1.93 -29.17
CA LEU A 344 10.19 2.50 -29.67
C LEU A 344 9.56 3.45 -28.64
N GLU A 345 9.54 4.74 -28.96
CA GLU A 345 9.04 5.72 -28.00
C GLU A 345 7.59 6.14 -28.26
N GLU A 346 7.20 6.16 -29.53
CA GLU A 346 5.85 6.55 -29.89
C GLU A 346 5.43 5.89 -31.19
N VAL A 347 4.11 5.86 -31.39
CA VAL A 347 3.50 5.19 -32.52
C VAL A 347 2.48 6.16 -33.12
N LYS A 348 2.44 6.26 -34.45
CA LYS A 348 1.43 7.07 -35.11
C LYS A 348 0.12 6.27 -35.17
N MET A 349 -0.91 6.84 -34.57
CA MET A 349 -2.24 6.23 -34.50
C MET A 349 -3.29 7.24 -34.90
N GLN A 350 -4.42 6.75 -35.36
CA GLN A 350 -5.62 7.54 -35.59
C GLN A 350 -6.62 7.16 -34.52
N ILE A 351 -7.19 8.15 -33.83
CA ILE A 351 -8.18 7.89 -32.80
C ILE A 351 -9.45 8.69 -33.12
N ASP A 352 -10.57 8.00 -33.29
CA ASP A 352 -11.85 8.61 -33.68
C ASP A 352 -11.63 9.61 -34.83
N ASN A 353 -11.07 9.08 -35.92
CA ASN A 353 -10.67 9.81 -37.14
C ASN A 353 -9.63 10.94 -36.95
N LYS A 354 -9.10 11.07 -35.74
CA LYS A 354 -8.08 12.09 -35.45
C LYS A 354 -6.68 11.49 -35.32
N ASP A 355 -5.84 11.77 -36.31
CA ASP A 355 -4.44 11.30 -36.34
C ASP A 355 -3.63 11.97 -35.23
N GLN A 356 -2.69 11.22 -34.65
CA GLN A 356 -1.86 11.72 -33.55
C GLN A 356 -0.71 10.74 -33.22
N MET A 357 0.32 11.24 -32.55
CA MET A 357 1.36 10.37 -32.01
C MET A 357 0.93 9.93 -30.63
N VAL A 358 1.16 8.65 -30.33
CA VAL A 358 0.79 8.07 -29.03
C VAL A 358 2.04 7.50 -28.39
N LYS A 359 2.37 7.96 -27.19
CA LYS A 359 3.57 7.42 -26.52
C LYS A 359 3.37 5.95 -26.13
N ILE A 360 4.40 5.13 -26.34
CA ILE A 360 4.41 3.77 -25.80
C ILE A 360 4.20 3.88 -24.29
N GLY A 361 3.35 3.01 -23.76
CA GLY A 361 3.03 3.05 -22.33
C GLY A 361 1.88 3.97 -21.99
N SER A 362 1.20 4.50 -23.00
CA SER A 362 -0.01 5.33 -22.83
C SER A 362 -1.30 4.53 -22.71
N VAL A 363 -2.31 5.18 -22.15
CA VAL A 363 -3.70 4.75 -22.18
C VAL A 363 -4.49 5.79 -22.97
N VAL A 364 -5.12 5.38 -24.08
CA VAL A 364 -5.92 6.31 -24.90
C VAL A 364 -7.39 5.98 -24.91
N GLU A 365 -8.23 7.00 -24.75
CA GLU A 365 -9.68 6.80 -24.74
C GLU A 365 -10.22 6.83 -26.17
N VAL A 366 -11.15 5.93 -26.45
CA VAL A 366 -11.73 5.76 -27.78
C VAL A 366 -13.26 5.74 -27.69
N LYS A 367 -13.91 6.58 -28.49
CA LYS A 367 -15.39 6.58 -28.54
C LYS A 367 -15.93 5.61 -29.60
N GLU A 368 -15.21 5.48 -30.72
CA GLU A 368 -15.77 4.82 -31.91
C GLU A 368 -14.77 3.90 -32.62
N SER A 369 -13.60 4.43 -32.93
CA SER A 369 -12.61 3.72 -33.74
C SER A 369 -11.15 4.11 -33.49
N PHE A 370 -10.25 3.22 -33.87
CA PHE A 370 -8.83 3.59 -33.98
C PHE A 370 -8.15 2.84 -35.11
N TYR A 371 -6.95 3.30 -35.45
CA TYR A 371 -6.19 2.75 -36.57
C TYR A 371 -4.71 2.99 -36.30
N ILE A 372 -3.91 1.95 -36.46
CA ILE A 372 -2.47 2.04 -36.24
C ILE A 372 -1.77 2.12 -37.59
N HIS A 373 -1.00 3.18 -37.82
CA HIS A 373 -0.25 3.29 -39.06
C HIS A 373 0.87 2.30 -39.13
N ALA A 374 1.08 1.71 -40.30
CA ALA A 374 2.13 0.71 -40.49
C ALA A 374 3.49 1.32 -40.18
N MET A 375 4.39 0.47 -39.69
CA MET A 375 5.74 0.87 -39.32
C MET A 375 6.73 -0.11 -39.89
N ASP A 376 7.84 0.42 -40.38
CA ASP A 376 8.96 -0.42 -40.76
C ASP A 376 9.52 -1.04 -39.49
N ASN A 377 9.70 -2.36 -39.52
CA ASN A 377 10.38 -3.10 -38.45
C ASN A 377 9.55 -3.38 -37.20
N ILE A 378 8.37 -2.77 -37.10
CA ILE A 378 7.49 -2.96 -35.93
C ILE A 378 6.19 -3.66 -36.33
N ARG A 379 5.83 -4.68 -35.57
CA ARG A 379 4.62 -5.46 -35.75
C ARG A 379 3.69 -5.11 -34.59
N ALA A 380 2.40 -4.91 -34.86
CA ALA A 380 1.40 -4.64 -33.81
C ALA A 380 0.42 -5.79 -33.66
N ASN A 381 0.26 -6.27 -32.43
CA ASN A 381 -0.81 -7.21 -32.14
C ASN A 381 -1.82 -6.55 -31.22
N VAL A 382 -3.02 -6.31 -31.74
CA VAL A 382 -4.15 -5.83 -30.97
C VAL A 382 -4.78 -7.04 -30.29
N ILE A 383 -4.73 -7.08 -28.96
CA ILE A 383 -5.15 -8.28 -28.21
C ILE A 383 -6.67 -8.33 -28.08
N GLY A 384 -7.29 -9.23 -28.81
CA GLY A 384 -8.74 -9.27 -28.85
C GLY A 384 -9.28 -9.04 -30.24
N PHE A 385 -8.40 -8.56 -31.13
CA PHE A 385 -8.73 -8.37 -32.54
C PHE A 385 -7.92 -9.34 -33.39
N SER A 386 -8.55 -9.88 -34.44
CA SER A 386 -7.80 -10.72 -35.37
C SER A 386 -8.46 -10.77 -36.74
N VAL A 387 -7.64 -11.01 -37.76
CA VAL A 387 -8.11 -11.15 -39.13
C VAL A 387 -7.73 -12.51 -39.71
N SER A 388 -6.91 -13.24 -38.96
CA SER A 388 -6.47 -14.59 -39.35
C SER A 388 -6.03 -15.36 -38.11
N ASN A 389 -5.55 -16.58 -38.32
CA ASN A 389 -5.00 -17.38 -37.22
C ASN A 389 -3.48 -17.35 -37.11
N GLU A 390 -2.86 -16.32 -37.71
CA GLU A 390 -1.44 -16.05 -37.52
C GLU A 390 -1.14 -15.93 -36.03
N ASN A 391 -0.14 -16.66 -35.56
CA ASN A 391 0.23 -16.59 -34.14
C ASN A 391 1.01 -15.32 -33.79
N LYS A 392 1.75 -14.81 -34.77
CA LYS A 392 2.46 -13.53 -34.64
C LYS A 392 1.99 -12.53 -35.72
N PRO A 393 0.75 -12.03 -35.61
CA PRO A 393 0.17 -11.18 -36.66
C PRO A 393 0.67 -9.73 -36.64
N ASN A 394 0.45 -9.04 -37.75
CA ASN A 394 0.61 -7.58 -37.80
C ASN A 394 -0.74 -7.01 -38.09
N GLU A 395 -1.24 -6.23 -37.14
CA GLU A 395 -2.59 -5.69 -37.23
C GLU A 395 -2.57 -4.18 -37.35
N ALA A 396 -1.41 -3.61 -37.69
CA ALA A 396 -1.42 -2.23 -38.16
C ALA A 396 -2.16 -2.17 -39.48
N GLY A 397 -2.74 -1.00 -39.78
CA GLY A 397 -3.40 -0.80 -41.07
C GLY A 397 -4.82 -1.31 -41.11
N TYR A 398 -5.43 -1.48 -39.93
CA TYR A 398 -6.82 -1.87 -39.82
C TYR A 398 -7.59 -0.83 -39.01
N THR A 399 -8.75 -0.43 -39.54
CA THR A 399 -9.65 0.43 -38.79
C THR A 399 -10.46 -0.46 -37.85
N ILE A 400 -10.27 -0.26 -36.55
CA ILE A 400 -10.84 -1.15 -35.53
C ILE A 400 -11.87 -0.43 -34.67
N LYS A 401 -13.02 -1.10 -34.51
CA LYS A 401 -14.11 -0.63 -33.65
C LYS A 401 -14.40 -1.62 -32.51
N PHE A 402 -15.23 -1.19 -31.57
CA PHE A 402 -15.58 -2.01 -30.40
C PHE A 402 -16.14 -3.37 -30.79
N LYS A 403 -17.04 -3.38 -31.78
CA LYS A 403 -17.65 -4.59 -32.31
C LYS A 403 -16.66 -5.62 -32.86
N ASP A 404 -15.45 -5.17 -33.19
CA ASP A 404 -14.41 -6.04 -33.73
C ASP A 404 -13.63 -6.83 -32.67
N PHE A 405 -13.89 -6.53 -31.40
CA PHE A 405 -13.15 -7.22 -30.33
C PHE A 405 -13.89 -8.44 -29.80
N GLN A 406 -13.14 -9.52 -29.60
CA GLN A 406 -13.64 -10.63 -28.79
C GLN A 406 -13.44 -10.19 -27.35
N LYS A 407 -14.56 -9.94 -26.67
CA LYS A 407 -14.59 -9.23 -25.38
C LYS A 407 -13.85 -9.92 -24.22
N ARG A 408 -13.68 -11.23 -24.31
CA ARG A 408 -12.98 -12.02 -23.28
C ARG A 408 -11.49 -11.69 -23.16
N PHE A 409 -10.96 -11.00 -24.17
CA PHE A 409 -9.54 -10.62 -24.17
C PHE A 409 -9.30 -9.26 -23.49
N SER A 410 -10.36 -8.62 -23.03
CA SER A 410 -10.26 -7.32 -22.33
C SER A 410 -9.47 -7.46 -21.04
N LEU A 411 -8.74 -6.38 -20.72
CA LEU A 411 -7.98 -6.30 -19.48
C LEU A 411 -8.91 -6.24 -18.27
N ASP A 412 -10.10 -5.69 -18.47
CA ASP A 412 -11.04 -5.36 -17.40
C ASP A 412 -12.32 -6.19 -17.43
N LYS A 413 -12.95 -6.37 -16.26
CA LYS A 413 -14.25 -7.04 -16.18
C LYS A 413 -15.32 -6.32 -17.00
N GLN A 414 -15.17 -5.01 -17.16
CA GLN A 414 -16.14 -4.17 -17.88
C GLN A 414 -16.04 -4.30 -19.42
N GLU A 415 -15.02 -5.03 -19.89
CA GLU A 415 -14.83 -5.34 -21.32
C GLU A 415 -14.61 -4.10 -22.20
N ARG A 416 -13.98 -3.07 -21.63
CA ARG A 416 -13.71 -1.79 -22.32
C ARG A 416 -12.24 -1.51 -22.65
N ILE A 417 -11.32 -2.18 -21.95
CA ILE A 417 -9.89 -1.87 -22.09
C ILE A 417 -9.13 -2.99 -22.79
N TYR A 418 -8.42 -2.63 -23.86
CA TYR A 418 -7.72 -3.62 -24.66
C TYR A 418 -6.24 -3.30 -24.84
N ARG A 419 -5.43 -4.34 -24.89
CA ARG A 419 -3.98 -4.21 -25.03
C ARG A 419 -3.62 -4.16 -26.51
N ILE A 420 -2.68 -3.28 -26.86
CA ILE A 420 -2.00 -3.29 -28.16
C ILE A 420 -0.53 -3.49 -27.83
N GLU A 421 0.01 -4.59 -28.35
CA GLU A 421 1.40 -4.96 -28.09
C GLU A 421 2.22 -4.88 -29.36
N PHE A 422 3.42 -4.34 -29.21
CA PHE A 422 4.32 -4.08 -30.34
C PHE A 422 5.57 -4.93 -30.22
N TYR A 423 6.01 -5.48 -31.35
CA TYR A 423 7.15 -6.38 -31.39
C TYR A 423 8.13 -5.99 -32.49
N LYS A 424 9.41 -5.98 -32.15
CA LYS A 424 10.48 -5.75 -33.10
C LYS A 424 11.29 -7.02 -33.10
N ASN A 425 11.13 -7.80 -34.17
CA ASN A 425 11.68 -9.15 -34.26
C ASN A 425 11.13 -10.02 -33.11
N ASN A 426 12.01 -10.58 -32.28
CA ASN A 426 11.58 -11.40 -31.15
C ASN A 426 11.60 -10.65 -29.82
N ALA A 427 11.76 -9.33 -29.88
CA ALA A 427 11.76 -8.48 -28.68
C ALA A 427 10.46 -7.70 -28.56
N PHE A 428 10.12 -7.35 -27.33
CA PHE A 428 8.89 -6.62 -27.03
C PHE A 428 9.21 -5.13 -27.04
N SER A 429 8.48 -4.38 -27.88
CA SER A 429 8.74 -2.95 -28.07
C SER A 429 7.82 -2.05 -27.25
N GLY A 430 6.80 -2.63 -26.64
CA GLY A 430 5.92 -1.86 -25.74
C GLY A 430 4.45 -2.12 -25.90
N MET A 431 3.66 -1.53 -25.02
CA MET A 431 2.21 -1.68 -25.01
C MET A 431 1.55 -0.31 -24.88
N ILE A 432 0.43 -0.17 -25.58
CA ILE A 432 -0.50 0.94 -25.42
C ILE A 432 -1.85 0.33 -25.09
N LEU A 433 -2.61 0.94 -24.18
CA LEU A 433 -3.98 0.49 -23.91
C LEU A 433 -4.98 1.38 -24.60
N VAL A 434 -6.00 0.78 -25.21
CA VAL A 434 -7.16 1.55 -25.64
C VAL A 434 -8.31 1.31 -24.65
N LYS A 435 -8.98 2.39 -24.27
CA LYS A 435 -10.17 2.27 -23.42
C LYS A 435 -11.39 2.80 -24.16
N PHE A 436 -12.37 1.95 -24.42
CA PHE A 436 -13.59 2.39 -25.09
C PHE A 436 -14.51 3.11 -24.10
N VAL A 437 -14.79 4.37 -24.40
CA VAL A 437 -15.58 5.25 -23.52
C VAL A 437 -16.91 5.64 -24.17
C1 MHI B . -3.42 -16.00 17.90
N1 MHI B . -0.94 -15.84 18.08
O1 MHI B . -2.41 -13.43 16.03
C2 MHI B . -2.12 -15.46 17.28
N2 MHI B . -2.01 -13.23 18.28
O2 MHI B . -4.03 -10.37 18.22
C3 MHI B . -2.20 -13.93 17.14
N3 MHI B . 0.28 -7.79 19.79
O3 MHI B . -4.07 -12.05 19.67
C4 MHI B . -2.09 -11.75 18.37
N4 MHI B . 4.81 -3.45 22.05
O4 MHI B . 0.74 -9.42 18.25
C5 MHI B . -3.52 -11.36 18.78
O5 MHI B . 3.66 -7.81 18.94
C6 MHI B . -1.09 -11.19 19.39
O6 MHI B . 2.64 -8.68 20.72
C7 MHI B . -1.25 -9.68 19.54
O7 MHI B . 3.90 -2.02 18.84
C8 MHI B . 0.03 -8.96 19.13
O8 MHI B . 5.72 -2.93 19.58
C9 MHI B . 1.49 -6.99 19.54
C10 MHI B . 2.71 -7.89 19.75
C11 MHI B . 1.53 -5.80 20.49
C12 MHI B . 2.82 -4.98 20.31
C13 MHI B . 2.56 -3.59 20.92
C15 MHI B . 4.56 -2.58 19.71
C14 MHI B . 3.88 -2.80 21.10
CA CA C . 0.44 -7.39 15.58
CA CA D . -4.62 -9.73 -32.49
CA CA E . -7.46 12.04 -1.82
C1 GOL F . -13.98 17.78 4.02
O1 GOL F . -14.28 16.52 3.39
C2 GOL F . -12.47 17.91 4.23
O2 GOL F . -11.76 17.39 3.10
C3 GOL F . -12.08 17.13 5.47
O3 GOL F . -11.93 18.04 6.56
C1 GOL G . -9.49 17.83 7.84
O1 GOL G . -8.84 18.55 6.79
C2 GOL G . -8.60 17.70 9.05
O2 GOL G . -9.38 17.13 10.11
C3 GOL G . -8.10 19.08 9.48
O3 GOL G . -7.38 18.98 10.70
C1 GOL H . -6.51 19.31 22.16
O1 GOL H . -6.61 18.65 20.90
C2 GOL H . -5.23 20.13 22.20
O2 GOL H . -5.21 21.07 21.13
C3 GOL H . -4.04 19.19 22.08
O3 GOL H . -2.82 19.93 22.18
#